data_3FXV
#
_entry.id   3FXV
#
_cell.length_a   94.796
_cell.length_b   94.796
_cell.length_c   48.274
_cell.angle_alpha   90.00
_cell.angle_beta   90.00
_cell.angle_gamma   120.00
#
_symmetry.space_group_name_H-M   'P 65'
#
loop_
_entity.id
_entity.type
_entity.pdbx_description
1 polymer 'NR1H4 protein'
2 polymer '12-meric peptide from Nuclear receptor coactivator 1'
3 non-polymer '6-(4-{[3-(3,5-dichloropyridin-4-yl)-5-(1-methylethyl)isoxazol-4-yl]methoxy}-2-methylphenyl)-1-methyl-1H-indole-3-carbox ylic acid'
4 water water
#
loop_
_entity_poly.entity_id
_entity_poly.type
_entity_poly.pdbx_seq_one_letter_code
_entity_poly.pdbx_strand_id
1 'polypeptide(L)'
;GSHMELTPDQQTLLHFIMDSYNKQRMPQEITNKILKEAFSAEENFLILTEMATNHVQVLVEFTKKLPGFQTLDHEDQIAL
LKGSAVEAMFLRSAEIFNKKLPSGHSDLLEARIRNSGISDEYITPMFSFYKSIGELKMTQEEYALLTAIVILSPDRQYIK
DREAVEKLQEPLLDVLQKLCKIHQPENPQHFACLLGRLTELRTFNHHHAEMLMSWRVNDHKFTPLLCEIWDVQ
;
A
2 'polypeptide(L)' KDHQLLRYLLDKD B
#
# COMPACT_ATOMS: atom_id res chain seq x y z
N MET A 4 26.40 12.73 -10.76
CA MET A 4 25.60 11.86 -9.89
C MET A 4 24.41 11.26 -10.63
N GLU A 5 24.50 9.97 -10.94
CA GLU A 5 23.47 9.32 -11.73
C GLU A 5 23.26 7.87 -11.32
N LEU A 6 22.08 7.34 -11.63
CA LEU A 6 21.77 5.94 -11.33
C LEU A 6 22.63 5.11 -12.26
N THR A 7 23.07 3.93 -11.83
CA THR A 7 23.81 3.04 -12.74
C THR A 7 22.81 2.37 -13.69
N PRO A 8 23.29 1.83 -14.82
CA PRO A 8 22.37 1.13 -15.72
C PRO A 8 21.56 0.05 -14.99
N ASP A 9 22.22 -0.65 -14.06
CA ASP A 9 21.58 -1.68 -13.29
C ASP A 9 20.44 -1.12 -12.37
N GLN A 10 20.70 0.03 -11.76
CA GLN A 10 19.70 0.70 -10.96
C GLN A 10 18.60 1.27 -11.84
N GLN A 11 18.94 1.68 -13.05
CA GLN A 11 17.96 2.26 -13.96
C GLN A 11 16.99 1.18 -14.43
N THR A 12 17.54 -0.02 -14.64
CA THR A 12 16.76 -1.18 -15.06
C THR A 12 15.80 -1.60 -13.95
N LEU A 13 16.32 -1.62 -12.71
CA LEU A 13 15.53 -1.99 -11.55
C LEU A 13 14.40 -0.99 -11.36
N LEU A 14 14.73 0.30 -11.43
CA LEU A 14 13.73 1.32 -11.27
C LEU A 14 12.70 1.23 -12.39
N HIS A 15 13.19 1.00 -13.60
CA HIS A 15 12.23 0.86 -14.69
C HIS A 15 11.19 -0.25 -14.51
N PHE A 16 11.59 -1.44 -14.06
CA PHE A 16 10.63 -2.51 -13.85
C PHE A 16 9.56 -2.13 -12.78
N ILE A 17 9.99 -1.38 -11.77
CA ILE A 17 9.13 -0.95 -10.67
C ILE A 17 8.11 0.05 -11.13
N MET A 18 8.53 1.01 -11.94
CA MET A 18 7.65 2.10 -12.43
C MET A 18 6.65 1.53 -13.37
N ASP A 19 7.13 0.67 -14.28
CA ASP A 19 6.24 0.04 -15.25
C ASP A 19 5.08 -0.68 -14.54
N SER A 20 5.43 -1.46 -13.52
CA SER A 20 4.47 -2.23 -12.75
C SER A 20 3.52 -1.31 -11.97
N TYR A 21 4.09 -0.30 -11.33
CA TYR A 21 3.29 0.68 -10.53
C TYR A 21 2.30 1.40 -11.43
N ASN A 22 2.77 1.76 -12.61
CA ASN A 22 1.94 2.49 -13.58
C ASN A 22 0.73 1.72 -14.11
N LYS A 23 0.71 0.38 -14.01
CA LYS A 23 -0.39 -0.45 -14.50
C LYS A 23 -1.64 -0.41 -13.62
N GLN A 24 -1.48 -0.20 -12.32
CA GLN A 24 -2.61 -0.15 -11.40
C GLN A 24 -3.74 0.79 -11.87
N ARG A 25 -4.96 0.43 -11.51
CA ARG A 25 -6.14 1.21 -11.83
C ARG A 25 -7.28 0.75 -10.93
N MET A 26 -8.25 1.66 -10.77
CA MET A 26 -9.47 1.38 -10.05
C MET A 26 -10.53 1.23 -11.16
N PRO A 27 -11.18 0.06 -11.24
CA PRO A 27 -12.19 -0.14 -12.28
C PRO A 27 -13.26 0.96 -12.20
N GLN A 28 -13.69 1.44 -13.37
CA GLN A 28 -14.70 2.48 -13.51
C GLN A 28 -16.01 2.04 -12.87
N GLU A 29 -16.21 0.74 -12.77
CA GLU A 29 -17.38 0.20 -12.15
C GLU A 29 -17.43 0.67 -10.71
N ILE A 30 -16.26 0.67 -10.08
CA ILE A 30 -16.12 1.06 -8.68
C ILE A 30 -16.21 2.56 -8.48
N THR A 31 -15.52 3.30 -9.33
CA THR A 31 -15.52 4.76 -9.23
C THR A 31 -16.90 5.37 -9.41
N ASN A 32 -17.69 4.77 -10.31
CA ASN A 32 -19.04 5.28 -10.54
C ASN A 32 -19.88 5.16 -9.26
N LYS A 33 -19.60 4.13 -8.45
CA LYS A 33 -20.33 3.90 -7.21
C LYS A 33 -19.99 4.98 -6.19
N ILE A 34 -18.73 5.43 -6.21
CA ILE A 34 -18.30 6.48 -5.32
C ILE A 34 -19.13 7.71 -5.59
N LEU A 35 -19.48 7.90 -6.86
CA LEU A 35 -20.27 9.06 -7.26
C LEU A 35 -21.78 8.88 -7.20
N LYS A 36 -22.25 7.67 -7.46
CA LYS A 36 -23.68 7.44 -7.57
C LYS A 36 -24.44 6.72 -6.44
N GLU A 37 -23.77 5.90 -5.66
CA GLU A 37 -24.43 5.13 -4.62
C GLU A 37 -24.94 6.00 -3.46
N ALA A 38 -25.92 5.47 -2.73
CA ALA A 38 -26.51 6.19 -1.60
C ALA A 38 -25.46 6.58 -0.59
N PHE A 39 -25.73 7.67 0.11
CA PHE A 39 -24.85 8.18 1.16
C PHE A 39 -25.37 7.78 2.54
N SER A 40 -24.70 6.82 3.16
CA SER A 40 -25.06 6.38 4.50
C SER A 40 -23.89 5.57 5.06
N ALA A 41 -23.75 5.56 6.38
CA ALA A 41 -22.66 4.86 7.05
C ALA A 41 -22.50 3.43 6.52
N GLU A 42 -23.63 2.76 6.31
CA GLU A 42 -23.68 1.38 5.80
C GLU A 42 -23.14 1.26 4.38
N GLU A 43 -23.65 2.10 3.49
CA GLU A 43 -23.24 2.10 2.09
C GLU A 43 -21.81 2.56 1.96
N ASN A 44 -21.48 3.59 2.72
CA ASN A 44 -20.14 4.16 2.67
C ASN A 44 -19.11 3.09 3.07
N PHE A 45 -19.40 2.36 4.15
CA PHE A 45 -18.54 1.28 4.58
C PHE A 45 -18.39 0.19 3.53
N LEU A 46 -19.48 -0.13 2.84
CA LEU A 46 -19.48 -1.15 1.79
C LEU A 46 -18.62 -0.73 0.60
N ILE A 47 -18.65 0.56 0.27
CA ILE A 47 -17.85 1.07 -0.83
C ILE A 47 -16.39 0.98 -0.46
N LEU A 48 -16.03 1.40 0.74
CA LEU A 48 -14.63 1.33 1.18
C LEU A 48 -14.15 -0.13 1.06
N THR A 49 -15.00 -1.06 1.45
CA THR A 49 -14.73 -2.49 1.38
C THR A 49 -14.42 -2.96 -0.06
N GLU A 50 -15.25 -2.53 -1.00
CA GLU A 50 -15.07 -2.87 -2.39
C GLU A 50 -13.72 -2.29 -2.90
N MET A 51 -13.42 -1.04 -2.53
CA MET A 51 -12.15 -0.40 -2.90
C MET A 51 -10.95 -1.12 -2.34
N ALA A 52 -11.01 -1.47 -1.06
CA ALA A 52 -9.91 -2.18 -0.44
C ALA A 52 -9.62 -3.52 -1.17
N THR A 53 -10.70 -4.19 -1.58
CA THR A 53 -10.62 -5.48 -2.27
C THR A 53 -9.94 -5.30 -3.63
N ASN A 54 -10.39 -4.33 -4.41
CA ASN A 54 -9.80 -4.07 -5.70
C ASN A 54 -8.31 -3.72 -5.51
N HIS A 55 -7.99 -2.88 -4.55
CA HIS A 55 -6.58 -2.57 -4.26
C HIS A 55 -5.67 -3.81 -3.91
N VAL A 56 -6.15 -4.70 -3.02
CA VAL A 56 -5.40 -5.94 -2.70
C VAL A 56 -5.11 -6.73 -4.01
N GLN A 57 -6.06 -6.71 -4.94
CA GLN A 57 -5.83 -7.37 -6.20
C GLN A 57 -4.71 -6.70 -7.03
N VAL A 58 -4.80 -5.38 -7.08
CA VAL A 58 -3.85 -4.54 -7.80
C VAL A 58 -2.50 -4.76 -7.11
N LEU A 59 -2.52 -4.94 -5.81
CA LEU A 59 -1.29 -5.08 -5.04
C LEU A 59 -0.56 -6.40 -5.35
N VAL A 60 -1.33 -7.47 -5.53
CA VAL A 60 -0.77 -8.78 -5.90
C VAL A 60 -0.13 -8.70 -7.29
N GLU A 61 -0.78 -8.04 -8.24
CA GLU A 61 -0.25 -7.92 -9.59
C GLU A 61 1.03 -7.11 -9.61
N PHE A 62 1.06 -6.04 -8.84
CA PHE A 62 2.26 -5.19 -8.73
C PHE A 62 3.43 -6.00 -8.14
N THR A 63 3.20 -6.63 -6.99
CA THR A 63 4.22 -7.45 -6.31
C THR A 63 4.87 -8.56 -7.19
N LYS A 64 4.03 -9.28 -7.94
CA LYS A 64 4.54 -10.37 -8.82
C LYS A 64 5.54 -9.86 -9.85
N LYS A 65 5.49 -8.57 -10.17
CA LYS A 65 6.38 -8.00 -11.17
C LYS A 65 7.63 -7.35 -10.54
N LEU A 66 7.68 -7.38 -9.21
CA LEU A 66 8.82 -6.78 -8.49
C LEU A 66 10.00 -7.70 -8.70
N PRO A 67 11.11 -7.16 -9.19
CA PRO A 67 12.29 -7.99 -9.45
C PRO A 67 12.66 -8.88 -8.25
N GLY A 68 12.74 -10.19 -8.51
CA GLY A 68 13.13 -11.20 -7.51
C GLY A 68 12.01 -11.70 -6.60
N PHE A 69 10.86 -11.03 -6.62
CA PHE A 69 9.81 -11.43 -5.71
C PHE A 69 9.39 -12.88 -5.92
N GLN A 70 9.20 -13.23 -7.19
CA GLN A 70 8.82 -14.57 -7.56
C GLN A 70 9.88 -15.64 -7.32
N THR A 71 11.07 -15.24 -6.95
CA THR A 71 12.11 -16.21 -6.65
C THR A 71 12.10 -16.50 -5.14
N LEU A 72 11.22 -15.85 -4.39
CA LEU A 72 11.18 -16.09 -2.96
C LEU A 72 10.35 -17.34 -2.68
N ASP A 73 10.60 -17.95 -1.52
CA ASP A 73 9.86 -19.11 -1.07
C ASP A 73 8.37 -18.76 -1.18
N HIS A 74 7.59 -19.66 -1.71
CA HIS A 74 6.15 -19.42 -1.90
C HIS A 74 5.36 -18.99 -0.67
N GLU A 75 5.65 -19.59 0.48
CA GLU A 75 4.95 -19.13 1.68
C GLU A 75 5.39 -17.74 2.17
N ASP A 76 6.65 -17.40 1.95
CA ASP A 76 7.14 -16.09 2.40
C ASP A 76 6.49 -15.03 1.50
N GLN A 77 6.15 -15.42 0.24
CA GLN A 77 5.46 -14.49 -0.68
C GLN A 77 4.11 -14.10 -0.07
N ILE A 78 3.41 -15.10 0.46
CA ILE A 78 2.12 -14.91 1.14
C ILE A 78 2.30 -14.05 2.39
N ALA A 79 3.18 -14.47 3.28
CA ALA A 79 3.47 -13.68 4.47
C ALA A 79 3.81 -12.17 4.14
N LEU A 80 4.56 -11.91 3.06
CA LEU A 80 4.94 -10.52 2.71
C LEU A 80 3.70 -9.68 2.31
N LEU A 81 2.79 -10.30 1.56
CA LEU A 81 1.54 -9.66 1.12
C LEU A 81 0.57 -9.37 2.26
N LYS A 82 0.37 -10.36 3.14
CA LYS A 82 -0.50 -10.17 4.30
C LYS A 82 0.03 -9.08 5.23
N GLY A 83 1.36 -9.02 5.41
CA GLY A 83 1.91 -8.02 6.30
C GLY A 83 2.03 -6.62 5.70
N SER A 84 1.91 -6.51 4.38
CA SER A 84 2.07 -5.18 3.75
C SER A 84 0.82 -4.52 3.21
N ALA A 85 -0.24 -5.32 3.09
CA ALA A 85 -1.50 -4.85 2.55
C ALA A 85 -2.05 -3.56 3.14
N VAL A 86 -2.13 -3.44 4.46
CA VAL A 86 -2.68 -2.20 5.03
C VAL A 86 -1.74 -1.03 4.73
N GLU A 87 -0.45 -1.23 4.95
CA GLU A 87 0.54 -0.18 4.72
C GLU A 87 0.51 0.35 3.27
N ALA A 88 0.37 -0.55 2.32
CA ALA A 88 0.42 -0.17 0.92
C ALA A 88 -0.88 0.52 0.58
N MET A 89 -1.97 0.04 1.16
CA MET A 89 -3.29 0.63 0.93
C MET A 89 -3.39 2.08 1.46
N PHE A 90 -2.74 2.37 2.60
CA PHE A 90 -2.69 3.74 3.11
C PHE A 90 -1.76 4.66 2.26
N LEU A 91 -0.67 4.09 1.75
CA LEU A 91 0.27 4.84 0.92
C LEU A 91 -0.42 5.30 -0.39
N ARG A 92 -1.17 4.37 -0.98
CA ARG A 92 -1.84 4.63 -2.23
C ARG A 92 -2.96 5.64 -2.00
N SER A 93 -3.67 5.47 -0.88
CA SER A 93 -4.78 6.40 -0.53
C SER A 93 -4.21 7.79 -0.46
N ALA A 94 -3.07 7.91 0.21
CA ALA A 94 -2.39 9.19 0.36
C ALA A 94 -2.14 9.82 -0.99
N GLU A 95 -1.54 9.03 -1.89
CA GLU A 95 -1.20 9.47 -3.23
C GLU A 95 -2.40 10.03 -3.97
N ILE A 96 -3.48 9.27 -4.01
CA ILE A 96 -4.64 9.70 -4.75
C ILE A 96 -5.26 10.97 -4.17
N PHE A 97 -5.34 11.04 -2.84
CA PHE A 97 -5.88 12.20 -2.14
CA PHE A 97 -5.89 12.20 -2.16
C PHE A 97 -5.08 13.49 -2.41
N ASN A 98 -3.78 13.35 -2.63
CA ASN A 98 -2.92 14.48 -2.95
C ASN A 98 -2.75 14.75 -4.45
N LYS A 99 -3.61 14.13 -5.25
CA LYS A 99 -3.66 14.35 -6.69
C LYS A 99 -4.84 13.63 -7.31
N HIS A 105 -14.68 15.30 -7.08
CA HIS A 105 -14.68 13.84 -6.94
C HIS A 105 -14.09 13.38 -5.61
N SER A 106 -12.83 13.78 -5.36
CA SER A 106 -12.13 13.42 -4.13
C SER A 106 -12.92 13.96 -2.96
N ASP A 107 -13.66 15.02 -3.23
CA ASP A 107 -14.53 15.66 -2.24
C ASP A 107 -15.56 14.65 -1.69
N LEU A 108 -16.30 14.03 -2.60
CA LEU A 108 -17.27 13.01 -2.23
C LEU A 108 -16.63 11.77 -1.58
N LEU A 109 -15.43 11.41 -2.05
CA LEU A 109 -14.77 10.24 -1.48
C LEU A 109 -14.43 10.57 -0.04
N GLU A 110 -13.84 11.74 0.16
CA GLU A 110 -13.48 12.14 1.54
C GLU A 110 -14.70 12.13 2.47
N ALA A 111 -15.81 12.64 1.96
CA ALA A 111 -17.04 12.71 2.72
C ALA A 111 -17.50 11.31 3.12
N ARG A 112 -17.36 10.34 2.21
CA ARG A 112 -17.80 8.95 2.47
C ARG A 112 -16.92 8.28 3.52
N ILE A 113 -15.63 8.54 3.42
CA ILE A 113 -14.71 8.01 4.42
C ILE A 113 -15.08 8.57 5.82
N ARG A 114 -15.23 9.89 5.92
CA ARG A 114 -15.61 10.51 7.20
C ARG A 114 -16.97 10.09 7.73
N ASN A 115 -17.78 9.44 6.90
CA ASN A 115 -19.13 8.96 7.25
C ASN A 115 -19.40 7.49 6.85
N SER A 116 -18.54 6.61 7.33
CA SER A 116 -18.60 5.19 7.01
C SER A 116 -18.69 4.40 8.29
N GLY A 117 -19.02 5.10 9.36
CA GLY A 117 -19.17 4.48 10.66
C GLY A 117 -17.83 4.14 11.27
N ILE A 118 -16.80 4.88 10.89
CA ILE A 118 -15.47 4.64 11.43
C ILE A 118 -15.09 5.74 12.42
N SER A 119 -14.52 5.35 13.55
CA SER A 119 -14.16 6.30 14.60
C SER A 119 -13.11 7.32 14.21
N ASP A 120 -13.22 8.51 14.77
CA ASP A 120 -12.25 9.58 14.58
C ASP A 120 -10.90 9.14 15.12
N GLU A 121 -10.93 8.16 16.02
CA GLU A 121 -9.71 7.64 16.57
C GLU A 121 -8.80 7.14 15.43
N TYR A 122 -9.44 6.67 14.37
CA TYR A 122 -8.77 6.14 13.19
CA TYR A 122 -8.73 6.18 13.20
C TYR A 122 -8.71 7.20 12.07
N ILE A 123 -9.81 7.85 11.83
CA ILE A 123 -9.92 8.86 10.77
C ILE A 123 -8.92 9.99 10.94
N THR A 124 -8.74 10.42 12.19
CA THR A 124 -7.85 11.50 12.51
C THR A 124 -6.41 11.32 12.12
N PRO A 125 -5.76 10.25 12.62
CA PRO A 125 -4.38 9.95 12.22
C PRO A 125 -4.26 9.73 10.67
N MET A 126 -5.31 9.15 10.09
CA MET A 126 -5.42 8.88 8.66
C MET A 126 -5.26 10.14 7.82
N PHE A 127 -6.09 11.14 8.11
CA PHE A 127 -6.05 12.39 7.37
C PHE A 127 -4.84 13.22 7.70
N SER A 128 -4.28 12.99 8.87
CA SER A 128 -3.07 13.70 9.23
C SER A 128 -1.94 13.11 8.39
N PHE A 129 -1.97 11.81 8.12
CA PHE A 129 -0.92 11.14 7.29
C PHE A 129 -1.00 11.66 5.84
N TYR A 130 -2.22 11.76 5.33
CA TYR A 130 -2.41 12.32 3.99
C TYR A 130 -1.81 13.70 3.88
N LYS A 131 -1.96 14.47 4.95
CA LYS A 131 -1.39 15.80 5.01
C LYS A 131 0.14 15.77 4.94
N SER A 132 0.79 15.00 5.81
CA SER A 132 2.25 14.95 5.79
C SER A 132 2.81 14.33 4.51
N ILE A 133 2.01 13.53 3.82
CA ILE A 133 2.44 12.95 2.55
C ILE A 133 2.46 14.07 1.49
N GLY A 134 1.36 14.82 1.45
CA GLY A 134 1.20 15.96 0.56
C GLY A 134 2.29 16.99 0.72
N GLU A 135 2.67 17.25 1.96
CA GLU A 135 3.71 18.24 2.27
C GLU A 135 5.07 17.84 1.72
N LEU A 136 5.23 16.56 1.46
CA LEU A 136 6.48 16.03 0.90
C LEU A 136 6.59 16.24 -0.60
N LYS A 137 5.46 16.37 -1.29
CA LYS A 137 5.45 16.57 -2.73
C LYS A 137 6.20 15.44 -3.42
N MET A 138 5.77 14.22 -3.13
CA MET A 138 6.48 13.05 -3.66
C MET A 138 6.34 12.86 -5.14
N THR A 139 7.41 12.38 -5.77
CA THR A 139 7.31 12.02 -7.20
C THR A 139 6.69 10.62 -7.30
N GLN A 140 6.39 10.22 -8.53
CA GLN A 140 5.82 8.90 -8.83
C GLN A 140 6.84 7.79 -8.53
N GLU A 141 8.12 8.08 -8.73
CA GLU A 141 9.16 7.12 -8.43
C GLU A 141 9.27 6.88 -6.94
N GLU A 142 9.13 7.97 -6.18
CA GLU A 142 9.15 7.90 -4.72
C GLU A 142 8.00 7.07 -4.20
N TYR A 143 6.81 7.25 -4.77
CA TYR A 143 5.62 6.51 -4.33
C TYR A 143 5.77 5.04 -4.64
N ALA A 144 6.30 4.74 -5.84
CA ALA A 144 6.48 3.33 -6.31
C ALA A 144 7.54 2.58 -5.50
N LEU A 145 8.69 3.22 -5.29
CA LEU A 145 9.81 2.63 -4.53
C LEU A 145 9.46 2.45 -3.07
N LEU A 146 8.74 3.42 -2.52
CA LEU A 146 8.31 3.33 -1.12
C LEU A 146 7.32 2.15 -0.97
N THR A 147 6.40 2.04 -1.90
CA THR A 147 5.44 0.93 -1.92
C THR A 147 6.18 -0.43 -1.95
N ALA A 148 7.15 -0.56 -2.83
CA ALA A 148 7.95 -1.82 -2.94
C ALA A 148 8.80 -2.08 -1.69
N ILE A 149 9.40 -1.04 -1.13
CA ILE A 149 10.21 -1.17 0.11
C ILE A 149 9.33 -1.60 1.29
N VAL A 150 8.09 -1.13 1.30
CA VAL A 150 7.09 -1.53 2.29
C VAL A 150 6.69 -3.02 2.12
N ILE A 151 6.60 -3.46 0.87
CA ILE A 151 6.22 -4.84 0.55
C ILE A 151 7.35 -5.80 0.92
N LEU A 152 8.55 -5.42 0.55
CA LEU A 152 9.75 -6.21 0.78
C LEU A 152 10.38 -5.94 2.13
N SER A 153 9.58 -5.97 3.19
CA SER A 153 10.05 -5.72 4.56
C SER A 153 10.41 -7.05 5.16
N PRO A 154 11.72 -7.28 5.36
CA PRO A 154 12.20 -8.61 5.80
C PRO A 154 11.80 -8.97 7.21
N ASP A 155 11.25 -8.00 7.95
CA ASP A 155 10.92 -8.22 9.35
C ASP A 155 9.48 -8.55 9.65
N ARG A 156 8.72 -8.97 8.64
CA ARG A 156 7.33 -9.31 8.90
C ARG A 156 7.25 -10.67 9.60
N GLN A 157 6.13 -10.88 10.29
CA GLN A 157 5.85 -12.13 11.00
C GLN A 157 5.73 -13.29 10.03
N TYR A 158 6.17 -14.46 10.47
CA TYR A 158 6.10 -15.70 9.68
C TYR A 158 6.96 -15.82 8.43
N ILE A 159 8.01 -15.01 8.31
CA ILE A 159 8.90 -15.13 7.17
C ILE A 159 10.01 -16.12 7.56
N LYS A 160 10.20 -17.13 6.71
CA LYS A 160 11.18 -18.20 6.93
C LYS A 160 12.61 -17.80 6.57
N ASP A 161 12.80 -17.14 5.43
CA ASP A 161 14.12 -16.76 4.95
C ASP A 161 14.19 -15.24 4.80
N ARG A 162 14.51 -14.55 5.88
CA ARG A 162 14.53 -13.10 5.90
C ARG A 162 15.66 -12.47 5.11
N GLU A 163 16.79 -13.15 5.04
CA GLU A 163 17.91 -12.63 4.31
C GLU A 163 17.62 -12.53 2.83
N ALA A 164 16.80 -13.46 2.30
CA ALA A 164 16.47 -13.42 0.87
C ALA A 164 15.65 -12.15 0.60
N VAL A 165 14.89 -11.72 1.61
CA VAL A 165 14.11 -10.49 1.50
C VAL A 165 15.00 -9.26 1.59
N GLU A 166 15.93 -9.27 2.55
CA GLU A 166 16.91 -8.19 2.71
C GLU A 166 17.61 -7.92 1.41
N LYS A 167 17.97 -8.98 0.70
CA LYS A 167 18.67 -8.84 -0.57
C LYS A 167 17.85 -8.06 -1.59
N LEU A 168 16.51 -8.22 -1.56
CA LEU A 168 15.63 -7.52 -2.51
C LEU A 168 15.35 -6.05 -2.04
N GLN A 169 15.19 -5.85 -0.75
CA GLN A 169 14.87 -4.54 -0.23
C GLN A 169 16.05 -3.53 -0.22
N GLU A 170 17.23 -4.00 0.14
CA GLU A 170 18.41 -3.13 0.21
C GLU A 170 18.65 -2.29 -1.04
N PRO A 171 18.67 -2.92 -2.22
CA PRO A 171 18.91 -2.20 -3.49
C PRO A 171 17.86 -1.13 -3.80
N LEU A 172 16.64 -1.31 -3.29
CA LEU A 172 15.57 -0.32 -3.45
C LEU A 172 15.81 0.94 -2.58
N LEU A 173 16.24 0.73 -1.34
CA LEU A 173 16.60 1.82 -0.43
C LEU A 173 17.82 2.59 -1.00
N ASP A 174 18.72 1.85 -1.65
CA ASP A 174 19.90 2.47 -2.28
C ASP A 174 19.50 3.38 -3.44
N VAL A 175 18.58 2.92 -4.28
CA VAL A 175 18.10 3.72 -5.40
C VAL A 175 17.28 4.93 -4.90
N LEU A 176 16.46 4.72 -3.87
CA LEU A 176 15.63 5.80 -3.34
C LEU A 176 16.49 6.90 -2.77
N GLN A 177 17.54 6.52 -2.06
CA GLN A 177 18.47 7.52 -1.51
C GLN A 177 19.19 8.33 -2.62
N LYS A 178 19.65 7.63 -3.66
CA LYS A 178 20.31 8.27 -4.76
C LYS A 178 19.40 9.23 -5.49
N LEU A 179 18.14 8.88 -5.61
CA LEU A 179 17.19 9.74 -6.28
C LEU A 179 17.02 11.02 -5.47
N CYS A 180 17.04 10.87 -4.15
CA CYS A 180 16.92 12.02 -3.26
C CYS A 180 18.14 12.97 -3.44
N LYS A 181 19.34 12.40 -3.56
CA LYS A 181 20.56 13.16 -3.76
C LYS A 181 20.61 13.85 -5.12
N ILE A 182 20.10 13.18 -6.13
CA ILE A 182 20.07 13.75 -7.48
C ILE A 182 18.94 14.79 -7.66
N HIS A 183 17.79 14.58 -7.04
CA HIS A 183 16.69 15.51 -7.26
C HIS A 183 16.53 16.57 -6.21
N GLN A 184 17.08 16.35 -5.02
CA GLN A 184 16.96 17.37 -3.94
C GLN A 184 18.29 17.67 -3.28
N PRO A 185 19.35 17.81 -4.09
CA PRO A 185 20.75 17.98 -3.67
C PRO A 185 20.98 19.03 -2.60
N GLU A 186 20.01 19.94 -2.39
CA GLU A 186 20.16 21.01 -1.40
C GLU A 186 19.40 20.76 -0.10
N ASN A 187 18.56 19.73 -0.09
CA ASN A 187 17.78 19.35 1.09
C ASN A 187 18.20 17.94 1.54
N PRO A 188 19.36 17.82 2.20
CA PRO A 188 19.93 16.55 2.65
C PRO A 188 19.01 15.75 3.59
N GLN A 189 17.91 16.34 4.02
CA GLN A 189 17.01 15.64 4.92
C GLN A 189 15.86 14.90 4.20
N HIS A 190 15.73 15.10 2.89
CA HIS A 190 14.64 14.48 2.11
C HIS A 190 14.48 12.97 2.31
N PHE A 191 15.57 12.23 2.20
CA PHE A 191 15.52 10.79 2.42
C PHE A 191 14.92 10.46 3.80
N ALA A 192 15.46 11.16 4.82
CA ALA A 192 15.03 11.03 6.22
C ALA A 192 13.56 11.25 6.38
N CYS A 193 12.99 12.22 5.68
CA CYS A 193 11.54 12.47 5.77
C CYS A 193 10.71 11.34 5.12
N LEU A 194 11.30 10.64 4.13
CA LEU A 194 10.60 9.52 3.47
C LEU A 194 10.55 8.36 4.47
N LEU A 195 11.66 8.14 5.17
CA LEU A 195 11.71 7.09 6.22
C LEU A 195 10.73 7.38 7.35
N GLY A 196 10.52 8.66 7.64
CA GLY A 196 9.55 9.01 8.66
C GLY A 196 8.16 8.57 8.25
N ARG A 197 7.97 8.45 6.94
CA ARG A 197 6.69 7.99 6.41
C ARG A 197 6.62 6.48 6.53
N LEU A 198 7.75 5.79 6.45
CA LEU A 198 7.77 4.33 6.63
C LEU A 198 7.33 3.97 8.06
N THR A 199 7.86 4.67 9.06
CA THR A 199 7.52 4.42 10.47
C THR A 199 6.09 4.89 10.78
N GLU A 200 5.67 5.99 10.19
CA GLU A 200 4.29 6.41 10.38
C GLU A 200 3.32 5.35 9.78
N LEU A 201 3.69 4.77 8.62
CA LEU A 201 2.83 3.74 7.99
C LEU A 201 2.54 2.53 8.93
N ARG A 202 3.56 2.12 9.65
CA ARG A 202 3.46 0.99 10.58
C ARG A 202 2.41 1.20 11.67
N THR A 203 2.19 2.43 12.09
CA THR A 203 1.18 2.69 13.11
C THR A 203 -0.24 2.34 12.64
N PHE A 204 -0.46 2.33 11.32
CA PHE A 204 -1.79 2.04 10.84
C PHE A 204 -2.19 0.58 10.98
N ASN A 205 -1.22 -0.28 11.24
CA ASN A 205 -1.51 -1.70 11.38
C ASN A 205 -2.31 -1.98 12.65
N HIS A 206 -1.89 -1.37 13.76
CA HIS A 206 -2.61 -1.52 15.02
C HIS A 206 -4.00 -0.88 14.89
N HIS A 207 -4.03 0.36 14.42
CA HIS A 207 -5.28 1.08 14.22
C HIS A 207 -6.24 0.20 13.42
N HIS A 208 -5.79 -0.26 12.26
CA HIS A 208 -6.62 -1.06 11.38
C HIS A 208 -7.15 -2.32 12.07
N ALA A 209 -6.31 -2.92 12.88
CA ALA A 209 -6.66 -4.14 13.61
C ALA A 209 -7.81 -3.86 14.56
N GLU A 210 -7.78 -2.70 15.21
CA GLU A 210 -8.82 -2.35 16.15
C GLU A 210 -10.12 -2.02 15.42
N MET A 211 -10.02 -1.38 14.25
CA MET A 211 -11.22 -1.07 13.47
C MET A 211 -11.92 -2.39 13.09
N LEU A 212 -11.11 -3.37 12.71
CA LEU A 212 -11.62 -4.69 12.33
C LEU A 212 -12.07 -5.47 13.56
N MET A 213 -11.13 -5.63 14.50
CA MET A 213 -11.40 -6.35 15.74
C MET A 213 -12.67 -5.82 16.43
N SER A 214 -12.67 -4.53 16.73
CA SER A 214 -13.71 -3.91 17.55
C SER A 214 -15.05 -3.37 16.98
N TRP A 215 -15.50 -3.82 15.80
CA TRP A 215 -16.84 -3.42 15.32
C TRP A 215 -17.51 -4.65 14.70
N ARG A 216 -17.67 -5.69 15.53
CA ARG A 216 -18.32 -6.92 15.10
C ARG A 216 -19.82 -6.64 15.23
N VAL A 217 -20.41 -6.06 14.19
CA VAL A 217 -21.82 -5.70 14.18
C VAL A 217 -22.15 -4.72 13.05
N HIS A 220 -19.33 -5.82 8.24
CA HIS A 220 -19.26 -6.92 9.21
C HIS A 220 -18.91 -8.23 8.52
N LYS A 221 -19.01 -8.26 7.19
CA LYS A 221 -18.69 -9.47 6.45
C LYS A 221 -17.60 -9.30 5.38
N PHE A 222 -17.25 -8.06 5.07
CA PHE A 222 -16.16 -7.81 4.12
C PHE A 222 -16.25 -8.54 2.77
N THR A 223 -15.09 -9.02 2.32
CA THR A 223 -15.01 -9.81 1.10
C THR A 223 -14.05 -10.97 1.38
N PRO A 224 -14.10 -12.03 0.53
CA PRO A 224 -13.24 -13.19 0.81
C PRO A 224 -11.76 -12.83 0.83
N LEU A 225 -11.36 -11.96 -0.09
CA LEU A 225 -9.95 -11.55 -0.20
C LEU A 225 -9.44 -10.83 1.06
N LEU A 226 -10.25 -9.92 1.59
CA LEU A 226 -9.90 -9.15 2.81
C LEU A 226 -9.84 -10.02 4.08
N CYS A 227 -10.80 -10.93 4.20
CA CYS A 227 -10.87 -11.89 5.33
C CYS A 227 -9.60 -12.74 5.44
N GLU A 228 -9.03 -13.16 4.30
CA GLU A 228 -7.77 -13.93 4.30
C GLU A 228 -6.54 -13.06 4.66
N ILE A 229 -6.36 -11.94 3.98
CA ILE A 229 -5.21 -11.11 4.27
C ILE A 229 -5.20 -10.60 5.70
N TRP A 230 -6.37 -10.28 6.25
CA TRP A 230 -6.46 -9.72 7.60
C TRP A 230 -6.97 -10.71 8.66
N ASP A 231 -6.96 -12.00 8.35
CA ASP A 231 -7.37 -13.05 9.28
C ASP A 231 -8.64 -12.72 10.07
N VAL A 232 -9.73 -12.48 9.33
CA VAL A 232 -11.03 -12.16 9.92
C VAL A 232 -11.82 -13.45 10.11
N LYS B 1 -6.53 -25.91 4.21
CA LYS B 1 -6.70 -25.00 3.08
C LYS B 1 -6.88 -23.55 3.57
N ASP B 2 -5.82 -22.76 3.42
CA ASP B 2 -5.83 -21.36 3.86
C ASP B 2 -5.49 -20.41 2.71
N HIS B 3 -5.90 -19.15 2.84
CA HIS B 3 -5.68 -18.10 1.83
C HIS B 3 -5.92 -18.58 0.41
N GLN B 4 -7.00 -19.32 0.21
CA GLN B 4 -7.30 -19.90 -1.09
C GLN B 4 -7.37 -18.85 -2.21
N LEU B 5 -8.14 -17.78 -1.99
CA LEU B 5 -8.25 -16.73 -3.00
C LEU B 5 -6.89 -16.05 -3.25
N LEU B 6 -6.21 -15.70 -2.18
CA LEU B 6 -4.92 -15.03 -2.25
C LEU B 6 -3.95 -15.87 -3.08
N ARG B 7 -3.88 -17.17 -2.80
CA ARG B 7 -3.05 -18.13 -3.56
C ARG B 7 -3.48 -18.22 -5.01
N TYR B 8 -4.79 -18.25 -5.26
CA TYR B 8 -5.29 -18.29 -6.62
C TYR B 8 -4.77 -17.06 -7.38
N LEU B 9 -4.90 -15.87 -6.79
CA LEU B 9 -4.46 -14.62 -7.47
C LEU B 9 -2.94 -14.55 -7.66
N LEU B 10 -2.22 -15.01 -6.65
CA LEU B 10 -0.78 -15.03 -6.69
C LEU B 10 -0.26 -16.06 -7.69
N ASP B 11 -0.91 -17.21 -7.73
CA ASP B 11 -0.44 -18.30 -8.60
C ASP B 11 -1.00 -18.29 -10.01
N LYS B 12 -1.94 -17.40 -10.29
CA LYS B 12 -2.52 -17.34 -11.62
C LYS B 12 -1.65 -16.62 -12.66
N ASP B 13 -2.17 -16.56 -13.87
CA ASP B 13 -1.52 -15.87 -14.98
C ASP B 13 -2.53 -15.03 -15.76
#